data_7FPE
#
_entry.id   7FPE
#
_cell.length_a   87.911
_cell.length_b   82.116
_cell.length_c   93.647
_cell.angle_alpha   90
_cell.angle_beta   108.29
_cell.angle_gamma   90
#
_symmetry.space_group_name_H-M   'C 1 2 1'
#
loop_
_entity.id
_entity.type
_entity.pdbx_description
1 polymer 'Pre-mRNA-splicing factor 8'
2 polymer 'A1 cistron-splicing factor AAR2'
3 non-polymer N,N,4-triethyl-1,2,3-thiadiazole-5-carboxamide
4 water water
#
loop_
_entity_poly.entity_id
_entity_poly.type
_entity_poly.pdbx_seq_one_letter_code
_entity_poly.pdbx_strand_id
1 'polypeptide(L)'
;GAMNSSNYAELFNNDIKLFVDDTNVYRVTVHKTFEGNVATKAINGCIFTLNPKTGHLFLKIIHTSVWAGQKRLSQLAKWK
TAEEVSALVRSLPKEEQPKQIIVTRKAMLDPLEVHMLDFPNIAIRPTELRLPFSAAMSIDKLSDVVMKATEPQMVLFNIY
DDWLDRISSYTAFSRLTLLLRALKTNEESAKMILLSDPTITIKSYHLWPSFTDEQWITIESQMRDLILTEYGRKYNVNIS
ALTQTEIKDIILGQNIKA
;
A
2 'polypeptide(L)'
;GAMAMNTVPFTSAPIEVTIGIDQYSFNVKENQPFHGIKDIPIGHVHVIHFQHADNSSMRYGYWFDCRMGNFYIQYDPKDG
LYKMMEERDGAKFENIVHNFKERQMMVSYPKIDEDDTWYNLTEFVQMDKIRKIVRKDENQFSYVDSSMTTVQENELSSSS
SDPAHSLNYTVINFKSREAIRPGHEMEDFLDKSYYLNTVMLQGIFKNSSNYFGELQFAFLNAMFFGNYGSSLQWHAMIEL
ICSSATVPKHMLDKLDEILYYQIKTLPEQYSDILLNERVWNICLYSSFQKNSLHNTEKIMENKYPELL
;
B
#
loop_
_chem_comp.id
_chem_comp.type
_chem_comp.name
_chem_comp.formula
VE3 non-polymer N,N,4-triethyl-1,2,3-thiadiazole-5-carboxamide 'C9 H15 N3 O S'
#
# COMPACT_ATOMS: atom_id res chain seq x y z
N GLY A 1 -5.54 7.40 -13.98
CA GLY A 1 -4.21 6.83 -13.94
C GLY A 1 -3.14 7.82 -14.36
N ALA A 2 -2.09 7.34 -15.02
CA ALA A 2 -0.97 8.21 -15.34
C ALA A 2 -1.27 9.07 -16.56
N MET A 3 -0.72 10.27 -16.56
CA MET A 3 -0.93 11.22 -17.63
C MET A 3 0.20 11.04 -18.64
N ASN A 4 -0.13 10.97 -19.93
CA ASN A 4 0.89 10.64 -20.92
C ASN A 4 0.53 11.28 -22.26
N SER A 5 1.31 10.94 -23.30
CA SER A 5 1.04 11.46 -24.64
C SER A 5 -0.37 11.12 -25.10
N SER A 6 -0.89 9.95 -24.67
CA SER A 6 -2.18 9.48 -25.17
C SER A 6 -3.33 10.35 -24.69
N ASN A 7 -3.25 10.88 -23.46
CA ASN A 7 -4.35 11.63 -22.88
C ASN A 7 -3.99 13.08 -22.63
N TYR A 8 -3.17 13.66 -23.50
CA TYR A 8 -2.62 15.01 -23.32
C TYR A 8 -3.69 16.10 -23.39
N ALA A 9 -4.74 15.93 -24.20
CA ALA A 9 -5.72 17.01 -24.33
C ALA A 9 -6.56 17.20 -23.06
N GLU A 10 -6.55 16.19 -22.17
CA GLU A 10 -7.32 16.26 -20.93
C GLU A 10 -6.85 17.45 -20.07
N LEU A 11 -5.60 17.84 -20.22
CA LEU A 11 -5.08 19.00 -19.48
C LEU A 11 -5.88 20.28 -19.74
N PHE A 12 -6.50 20.40 -20.92
CA PHE A 12 -7.13 21.66 -21.31
C PHE A 12 -8.65 21.56 -21.34
N ASN A 13 -9.22 20.52 -20.74
CA ASN A 13 -10.67 20.51 -20.61
C ASN A 13 -11.07 21.35 -19.42
N ASN A 14 -12.37 21.33 -19.11
CA ASN A 14 -12.92 22.27 -18.14
C ASN A 14 -12.98 21.71 -16.71
N ASP A 15 -12.31 20.58 -16.45
CA ASP A 15 -12.14 20.06 -15.11
C ASP A 15 -10.89 20.71 -14.48
N ILE A 16 -11.04 21.33 -13.33
CA ILE A 16 -9.90 22.04 -12.76
C ILE A 16 -8.81 21.05 -12.37
N LYS A 17 -7.58 21.34 -12.78
CA LYS A 17 -6.47 20.51 -12.35
C LYS A 17 -5.20 21.33 -12.12
N LEU A 18 -4.31 20.77 -11.33
CA LEU A 18 -3.03 21.38 -11.02
C LEU A 18 -1.91 20.37 -11.20
N PHE A 19 -0.83 20.84 -11.81
CA PHE A 19 0.45 20.17 -11.76
C PHE A 19 1.18 20.60 -10.49
N VAL A 20 1.85 19.66 -9.83
CA VAL A 20 2.75 19.99 -8.73
C VAL A 20 4.15 19.47 -9.02
N ASP A 21 5.10 20.40 -9.09
CA ASP A 21 6.51 20.03 -9.21
C ASP A 21 7.25 20.41 -7.93
N ASP A 22 8.01 19.47 -7.36
CA ASP A 22 8.75 19.65 -6.12
C ASP A 22 10.27 19.71 -6.31
N THR A 23 10.71 19.81 -7.56
N THR A 23 10.76 19.84 -7.55
CA THR A 23 12.14 19.73 -7.84
CA THR A 23 12.20 19.69 -7.76
C THR A 23 12.89 20.77 -7.03
C THR A 23 13.02 20.87 -7.24
N ASN A 24 12.40 22.00 -7.03
CA ASN A 24 13.10 23.16 -6.47
C ASN A 24 12.71 23.44 -5.02
N VAL A 25 12.17 22.47 -4.30
CA VAL A 25 11.75 22.74 -2.93
C VAL A 25 12.95 22.77 -1.99
N TYR A 26 13.79 21.74 -2.02
CA TYR A 26 15.01 21.62 -1.22
C TYR A 26 16.21 21.84 -2.14
N ARG A 27 16.86 22.99 -2.00
CA ARG A 27 17.97 23.41 -2.85
C ARG A 27 19.20 23.63 -1.99
N VAL A 28 20.35 23.11 -2.43
CA VAL A 28 21.60 23.27 -1.66
C VAL A 28 22.74 23.68 -2.58
N THR A 29 23.77 24.24 -1.95
CA THR A 29 25.11 24.33 -2.53
C THR A 29 26.02 23.44 -1.70
N VAL A 30 26.66 22.46 -2.34
CA VAL A 30 27.58 21.55 -1.65
C VAL A 30 28.98 22.17 -1.66
N HIS A 31 29.62 22.22 -0.47
CA HIS A 31 30.91 22.89 -0.30
C HIS A 31 31.77 22.12 0.70
N LYS A 32 32.98 22.65 0.96
CA LYS A 32 33.97 21.99 1.80
C LYS A 32 34.09 22.63 3.18
N THR A 33 34.18 21.80 4.21
CA THR A 33 34.39 22.29 5.57
C THR A 33 35.87 22.54 5.82
N PHE A 34 36.15 23.39 6.82
CA PHE A 34 37.53 23.69 7.14
C PHE A 34 38.35 22.43 7.32
N GLU A 35 37.72 21.36 7.82
CA GLU A 35 38.35 20.05 7.98
C GLU A 35 38.45 19.28 6.68
N GLY A 36 38.03 19.86 5.56
CA GLY A 36 38.06 19.20 4.27
C GLY A 36 36.92 18.24 4.00
N ASN A 37 35.93 18.15 4.88
CA ASN A 37 34.76 17.34 4.61
C ASN A 37 33.73 18.18 3.85
N VAL A 38 32.67 17.53 3.40
CA VAL A 38 31.68 18.19 2.57
C VAL A 38 30.44 18.46 3.40
N ALA A 39 29.88 19.65 3.22
CA ALA A 39 28.64 20.08 3.84
C ALA A 39 27.76 20.73 2.78
N THR A 40 26.47 20.76 3.06
CA THR A 40 25.49 21.46 2.25
C THR A 40 25.05 22.71 2.98
N LYS A 41 24.82 23.79 2.24
CA LYS A 41 24.11 24.96 2.74
C LYS A 41 22.85 25.14 1.89
N ALA A 42 21.70 25.16 2.54
CA ALA A 42 20.44 25.34 1.83
C ALA A 42 20.25 26.78 1.40
N ILE A 43 19.52 26.95 0.29
CA ILE A 43 19.02 28.25 -0.15
C ILE A 43 17.51 28.11 -0.33
N ASN A 44 16.86 29.26 -0.49
CA ASN A 44 15.41 29.27 -0.54
C ASN A 44 14.96 28.47 -1.75
N GLY A 45 13.87 27.72 -1.56
CA GLY A 45 13.22 26.94 -2.62
C GLY A 45 11.79 27.37 -2.91
N CYS A 46 11.06 26.58 -3.71
CA CYS A 46 9.69 26.90 -4.06
C CYS A 46 9.01 25.62 -4.54
N ILE A 47 7.71 25.54 -4.22
CA ILE A 47 6.81 24.58 -4.86
C ILE A 47 6.22 25.25 -6.09
N PHE A 48 6.18 24.53 -7.23
CA PHE A 48 5.68 25.03 -8.50
C PHE A 48 4.36 24.31 -8.71
N THR A 49 3.25 25.02 -8.50
CA THR A 49 1.90 24.48 -8.62
C THR A 49 1.18 25.26 -9.71
N LEU A 50 0.79 24.58 -10.79
CA LEU A 50 0.37 25.30 -11.99
C LEU A 50 -0.94 24.78 -12.55
N ASN A 51 -1.88 25.66 -12.78
CA ASN A 51 -3.08 25.31 -13.56
C ASN A 51 -2.72 25.41 -15.04
N PRO A 52 -2.67 24.30 -15.77
CA PRO A 52 -2.22 24.34 -17.17
C PRO A 52 -3.25 24.94 -18.10
N LYS A 53 -4.51 25.03 -17.69
CA LYS A 53 -5.54 25.64 -18.54
C LYS A 53 -5.53 27.17 -18.47
N THR A 54 -5.36 27.74 -17.26
CA THR A 54 -5.49 29.16 -17.07
C THR A 54 -4.15 29.87 -16.95
N GLY A 55 -3.07 29.12 -16.72
CA GLY A 55 -1.75 29.68 -16.49
C GLY A 55 -1.50 30.14 -15.07
N HIS A 56 -2.49 30.09 -14.19
CA HIS A 56 -2.28 30.52 -12.81
C HIS A 56 -1.24 29.64 -12.12
N LEU A 57 -0.25 30.29 -11.50
CA LEU A 57 0.87 29.66 -10.85
C LEU A 57 0.76 30.05 -9.39
N PHE A 58 0.71 29.07 -8.52
CA PHE A 58 0.80 29.26 -7.08
C PHE A 58 2.23 28.94 -6.66
N LEU A 59 3.05 29.98 -6.48
CA LEU A 59 4.46 29.76 -6.14
C LEU A 59 4.62 29.88 -4.64
N LYS A 60 4.66 28.74 -3.95
CA LYS A 60 4.90 28.74 -2.52
C LYS A 60 6.41 28.77 -2.28
N ILE A 61 6.88 29.86 -1.69
CA ILE A 61 8.29 29.99 -1.37
C ILE A 61 8.63 29.27 -0.06
N ILE A 62 9.70 28.47 -0.11
CA ILE A 62 10.12 27.57 0.96
C ILE A 62 11.37 28.23 1.52
N HIS A 63 11.23 28.85 2.68
CA HIS A 63 12.35 29.56 3.30
C HIS A 63 13.27 28.58 4.02
N THR A 64 14.59 28.83 3.95
CA THR A 64 15.56 27.90 4.48
C THR A 64 15.38 27.61 5.98
N SER A 65 14.67 28.48 6.70
CA SER A 65 14.39 28.24 8.11
C SER A 65 13.56 26.98 8.33
N VAL A 66 12.79 26.54 7.33
N VAL A 66 12.79 26.56 7.31
CA VAL A 66 11.96 25.34 7.50
CA VAL A 66 11.99 25.33 7.38
C VAL A 66 12.81 24.07 7.67
C VAL A 66 12.84 24.13 7.77
N TRP A 67 14.07 24.11 7.29
CA TRP A 67 14.91 22.93 7.41
C TRP A 67 15.69 22.90 8.72
N ALA A 68 15.66 23.98 9.48
CA ALA A 68 16.53 24.07 10.68
C ALA A 68 16.25 22.94 11.65
N GLY A 69 17.30 22.18 11.98
CA GLY A 69 17.22 21.11 12.95
C GLY A 69 16.47 19.89 12.50
N GLN A 70 16.19 19.78 11.21
CA GLN A 70 15.51 18.61 10.68
C GLN A 70 16.48 17.63 10.05
N LYS A 71 16.11 16.35 10.10
CA LYS A 71 16.88 15.26 9.52
C LYS A 71 16.20 14.81 8.23
N ARG A 72 16.98 14.10 7.41
CA ARG A 72 16.51 13.46 6.18
C ARG A 72 15.74 14.45 5.32
N LEU A 73 16.42 15.54 4.93
CA LEU A 73 15.71 16.69 4.35
C LEU A 73 15.09 16.35 3.00
N SER A 74 15.75 15.57 2.16
CA SER A 74 15.12 15.25 0.87
C SER A 74 13.80 14.50 1.06
N GLN A 75 13.69 13.67 2.09
CA GLN A 75 12.40 13.03 2.37
C GLN A 75 11.41 14.03 2.95
N LEU A 76 11.88 14.87 3.88
CA LEU A 76 11.00 15.89 4.44
C LEU A 76 10.45 16.82 3.35
N ALA A 77 11.28 17.17 2.35
CA ALA A 77 10.83 18.09 1.32
C ALA A 77 9.58 17.57 0.62
N LYS A 78 9.52 16.26 0.39
CA LYS A 78 8.34 15.71 -0.27
C LYS A 78 7.10 15.89 0.61
N TRP A 79 7.23 15.61 1.92
CA TRP A 79 6.10 15.77 2.85
C TRP A 79 5.73 17.24 3.11
N LYS A 80 6.73 18.13 3.17
CA LYS A 80 6.47 19.57 3.23
C LYS A 80 5.72 20.06 1.97
N THR A 81 6.14 19.60 0.80
CA THR A 81 5.40 19.90 -0.43
C THR A 81 3.95 19.48 -0.31
N ALA A 82 3.72 18.23 0.12
CA ALA A 82 2.35 17.76 0.19
C ALA A 82 1.54 18.51 1.24
N GLU A 83 2.15 18.89 2.38
CA GLU A 83 1.47 19.70 3.39
C GLU A 83 1.07 21.06 2.80
N GLU A 84 1.98 21.70 2.08
CA GLU A 84 1.65 23.00 1.51
C GLU A 84 0.60 22.92 0.38
N VAL A 85 0.62 21.86 -0.43
CA VAL A 85 -0.40 21.74 -1.48
C VAL A 85 -1.77 21.51 -0.85
N SER A 86 -1.85 20.65 0.17
N SER A 86 -1.85 20.62 0.15
CA SER A 86 -3.13 20.42 0.83
CA SER A 86 -3.11 20.40 0.85
C SER A 86 -3.65 21.68 1.52
C SER A 86 -3.63 21.68 1.51
N ALA A 87 -2.75 22.47 2.12
CA ALA A 87 -3.17 23.76 2.69
C ALA A 87 -3.72 24.71 1.63
N LEU A 88 -3.09 24.75 0.47
CA LEU A 88 -3.58 25.57 -0.63
C LEU A 88 -4.97 25.16 -1.06
N VAL A 89 -5.21 23.84 -1.21
CA VAL A 89 -6.52 23.39 -1.60
C VAL A 89 -7.55 23.78 -0.56
N ARG A 90 -7.25 23.53 0.71
CA ARG A 90 -8.21 23.88 1.75
C ARG A 90 -8.50 25.39 1.77
N SER A 91 -7.52 26.21 1.39
CA SER A 91 -7.74 27.66 1.33
C SER A 91 -8.65 28.08 0.19
N LEU A 92 -8.85 27.21 -0.84
CA LEU A 92 -9.62 27.66 -1.99
C LEU A 92 -11.09 27.40 -1.73
N PRO A 93 -11.96 28.25 -2.25
CA PRO A 93 -13.39 27.91 -2.28
C PRO A 93 -13.64 26.57 -2.97
N LYS A 94 -14.69 25.89 -2.55
CA LYS A 94 -14.97 24.55 -3.05
C LYS A 94 -15.01 24.51 -4.57
N GLU A 95 -15.71 25.46 -5.19
CA GLU A 95 -15.81 25.50 -6.65
C GLU A 95 -14.49 25.84 -7.34
N GLU A 96 -13.45 26.24 -6.60
CA GLU A 96 -12.13 26.42 -7.17
C GLU A 96 -11.17 25.28 -6.88
N GLN A 97 -11.55 24.32 -6.06
CA GLN A 97 -10.62 23.23 -5.76
C GLN A 97 -10.45 22.32 -6.98
N PRO A 98 -9.25 21.76 -7.16
CA PRO A 98 -9.02 20.91 -8.32
C PRO A 98 -9.75 19.60 -8.17
N LYS A 99 -10.10 19.01 -9.31
N LYS A 99 -10.11 19.02 -9.31
CA LYS A 99 -10.60 17.64 -9.32
CA LYS A 99 -10.60 17.64 -9.33
C LYS A 99 -9.47 16.61 -9.44
C LYS A 99 -9.48 16.61 -9.47
N GLN A 100 -8.32 17.02 -10.01
CA GLN A 100 -7.13 16.19 -10.09
C GLN A 100 -5.89 17.03 -9.74
N ILE A 101 -4.91 16.37 -9.13
CA ILE A 101 -3.57 16.93 -8.96
C ILE A 101 -2.59 15.97 -9.61
N ILE A 102 -1.76 16.47 -10.53
CA ILE A 102 -0.79 15.67 -11.26
C ILE A 102 0.61 16.01 -10.74
N VAL A 103 1.28 15.04 -10.16
CA VAL A 103 2.63 15.28 -9.63
C VAL A 103 3.64 14.94 -10.70
N THR A 104 4.67 15.78 -10.84
CA THR A 104 5.65 15.52 -11.88
C THR A 104 6.61 14.38 -11.52
N ARG A 105 6.74 14.03 -10.23
CA ARG A 105 7.60 12.92 -9.79
C ARG A 105 6.84 11.93 -8.91
N LYS A 106 6.99 10.63 -9.20
CA LYS A 106 6.14 9.63 -8.56
C LYS A 106 6.37 9.53 -7.06
N ALA A 107 7.54 9.93 -6.59
CA ALA A 107 7.75 9.92 -5.15
C ALA A 107 6.86 10.88 -4.38
N MET A 108 6.16 11.79 -5.06
CA MET A 108 5.19 12.64 -4.38
C MET A 108 3.82 11.99 -4.21
N LEU A 109 3.58 10.80 -4.76
CA LEU A 109 2.22 10.28 -4.73
C LEU A 109 1.75 9.96 -3.31
N ASP A 110 2.52 9.17 -2.56
CA ASP A 110 2.07 8.76 -1.25
C ASP A 110 2.04 9.96 -0.30
N PRO A 111 3.07 10.80 -0.28
CA PRO A 111 2.95 12.00 0.58
C PRO A 111 1.71 12.82 0.28
N LEU A 112 1.40 13.07 -1.00
CA LEU A 112 0.23 13.90 -1.29
C LEU A 112 -1.04 13.14 -0.98
N GLU A 113 -1.09 11.85 -1.34
CA GLU A 113 -2.26 11.06 -1.02
C GLU A 113 -2.62 11.13 0.46
N VAL A 114 -1.63 10.93 1.35
CA VAL A 114 -1.86 10.94 2.79
C VAL A 114 -2.31 12.32 3.27
N HIS A 115 -1.67 13.38 2.77
CA HIS A 115 -2.14 14.71 3.18
C HIS A 115 -3.51 15.06 2.62
N MET A 116 -3.97 14.42 1.54
CA MET A 116 -5.28 14.76 0.98
C MET A 116 -6.35 13.74 1.35
N LEU A 117 -6.18 13.03 2.49
CA LEU A 117 -7.17 12.02 2.82
C LEU A 117 -8.56 12.61 3.03
N ASP A 118 -8.61 13.86 3.50
CA ASP A 118 -9.86 14.59 3.66
C ASP A 118 -10.55 14.90 2.33
N PHE A 119 -9.88 14.65 1.20
CA PHE A 119 -10.38 15.01 -0.13
C PHE A 119 -10.43 13.75 -0.98
N PRO A 120 -11.33 12.81 -0.66
CA PRO A 120 -11.35 11.52 -1.37
C PRO A 120 -11.67 11.62 -2.84
N ASN A 121 -12.35 12.68 -3.26
CA ASN A 121 -12.75 12.86 -4.64
C ASN A 121 -11.76 13.71 -5.46
N ILE A 122 -10.58 14.05 -4.92
CA ILE A 122 -9.51 14.67 -5.70
C ILE A 122 -8.52 13.59 -6.08
N ALA A 123 -8.44 13.30 -7.38
CA ALA A 123 -7.56 12.26 -7.89
C ALA A 123 -6.11 12.72 -7.92
N ILE A 124 -5.21 11.92 -7.37
CA ILE A 124 -3.78 12.18 -7.39
C ILE A 124 -3.14 11.30 -8.45
N ARG A 125 -2.49 11.91 -9.45
CA ARG A 125 -2.06 11.20 -10.64
C ARG A 125 -0.57 11.44 -10.87
N PRO A 126 0.16 10.42 -11.23
CA PRO A 126 1.51 10.60 -11.79
C PRO A 126 1.42 10.95 -13.26
N THR A 127 2.59 11.14 -13.86
CA THR A 127 2.65 11.33 -15.28
C THR A 127 3.88 10.67 -15.88
N GLU A 128 3.73 10.25 -17.15
N GLU A 128 3.75 10.24 -17.13
CA GLU A 128 4.82 9.69 -17.94
CA GLU A 128 4.91 9.71 -17.86
C GLU A 128 5.55 10.75 -18.75
C GLU A 128 5.64 10.79 -18.63
N LEU A 129 5.07 11.98 -18.76
CA LEU A 129 5.78 13.07 -19.40
C LEU A 129 6.96 13.52 -18.55
N ARG A 130 8.05 13.88 -19.22
CA ARG A 130 9.24 14.39 -18.54
C ARG A 130 9.25 15.92 -18.66
N LEU A 131 8.38 16.55 -17.86
CA LEU A 131 8.12 17.98 -18.01
C LEU A 131 9.25 18.84 -17.45
N PRO A 132 9.49 20.00 -18.07
CA PRO A 132 10.71 20.78 -17.78
C PRO A 132 10.50 21.79 -16.67
N PHE A 133 9.65 21.50 -15.70
CA PHE A 133 9.31 22.56 -14.76
C PHE A 133 10.44 22.85 -13.79
N SER A 134 11.43 21.97 -13.70
CA SER A 134 12.58 22.29 -12.86
C SER A 134 13.22 23.61 -13.29
N ALA A 135 13.09 23.96 -14.57
CA ALA A 135 13.70 25.17 -15.10
C ALA A 135 12.94 26.42 -14.71
N ALA A 136 11.93 26.34 -13.84
CA ALA A 136 11.20 27.53 -13.45
C ALA A 136 12.11 28.57 -12.80
N MET A 137 13.13 28.11 -12.07
CA MET A 137 14.06 29.03 -11.44
C MET A 137 15.02 29.66 -12.44
N SER A 138 14.92 29.37 -13.74
CA SER A 138 15.61 30.14 -14.75
C SER A 138 14.80 31.32 -15.27
N ILE A 139 13.55 31.46 -14.86
CA ILE A 139 12.77 32.66 -15.13
C ILE A 139 13.18 33.72 -14.10
N ASP A 140 13.74 34.83 -14.58
CA ASP A 140 14.42 35.75 -13.67
C ASP A 140 13.49 36.29 -12.59
N LYS A 141 12.26 36.65 -12.94
CA LYS A 141 11.38 37.20 -11.91
C LYS A 141 11.01 36.18 -10.85
N LEU A 142 10.88 34.91 -11.22
CA LEU A 142 10.54 33.91 -10.20
C LEU A 142 11.73 33.62 -9.32
N SER A 143 12.90 33.50 -9.93
CA SER A 143 14.12 33.30 -9.16
C SER A 143 14.33 34.43 -8.17
N ASP A 144 14.05 35.65 -8.61
CA ASP A 144 14.33 36.83 -7.78
C ASP A 144 13.44 36.85 -6.55
N VAL A 145 12.16 36.50 -6.71
CA VAL A 145 11.27 36.59 -5.56
C VAL A 145 11.57 35.47 -4.60
N VAL A 146 12.02 34.30 -5.10
CA VAL A 146 12.41 33.21 -4.19
C VAL A 146 13.63 33.60 -3.41
N MET A 147 14.65 34.16 -4.07
N MET A 147 14.67 34.14 -4.07
N MET A 147 14.68 34.14 -4.05
CA MET A 147 15.95 34.43 -3.48
CA MET A 147 15.94 34.39 -3.39
CA MET A 147 15.92 34.36 -3.32
C MET A 147 15.89 35.57 -2.48
C MET A 147 15.84 35.53 -2.39
C MET A 147 15.79 35.50 -2.32
N LYS A 148 14.92 36.47 -2.60
CA LYS A 148 14.79 37.62 -1.69
C LYS A 148 13.90 37.34 -0.48
N ALA A 149 13.19 36.20 -0.45
CA ALA A 149 12.22 35.98 0.60
C ALA A 149 12.91 35.81 1.95
N THR A 150 12.39 36.49 2.97
CA THR A 150 12.88 36.39 4.34
C THR A 150 11.96 35.59 5.25
N GLU A 151 10.86 35.09 4.72
CA GLU A 151 9.88 34.30 5.49
C GLU A 151 9.10 33.47 4.48
N PRO A 152 8.38 32.46 4.96
CA PRO A 152 7.48 31.73 4.05
C PRO A 152 6.45 32.66 3.41
N GLN A 153 6.15 32.42 2.12
CA GLN A 153 5.36 33.37 1.37
C GLN A 153 4.82 32.67 0.14
N MET A 154 3.55 32.95 -0.21
CA MET A 154 2.89 32.52 -1.44
C MET A 154 2.79 33.71 -2.39
N VAL A 155 3.26 33.53 -3.62
CA VAL A 155 3.21 34.56 -4.66
C VAL A 155 2.45 34.00 -5.87
N LEU A 156 1.53 34.79 -6.41
CA LEU A 156 0.67 34.36 -7.49
C LEU A 156 1.13 34.99 -8.79
N PHE A 157 1.30 34.16 -9.83
CA PHE A 157 1.67 34.64 -11.14
C PHE A 157 0.73 34.04 -12.19
N ASN A 158 0.70 34.64 -13.36
CA ASN A 158 0.20 33.94 -14.55
C ASN A 158 1.38 33.66 -15.46
N ILE A 159 1.73 32.37 -15.61
CA ILE A 159 2.93 32.01 -16.36
C ILE A 159 2.73 32.18 -17.85
N TYR A 160 1.50 32.46 -18.31
CA TYR A 160 1.24 32.71 -19.72
C TYR A 160 1.15 34.18 -20.06
N ASP A 161 1.48 35.06 -19.15
CA ASP A 161 1.30 36.52 -19.36
C ASP A 161 -0.10 36.69 -19.95
N ASP A 162 -0.25 37.41 -21.08
CA ASP A 162 -1.53 37.69 -21.71
C ASP A 162 -1.77 36.81 -22.92
N TRP A 163 -1.08 35.64 -22.99
CA TRP A 163 -1.10 34.90 -24.25
C TRP A 163 -2.50 34.39 -24.55
N LEU A 164 -3.29 34.09 -23.51
CA LEU A 164 -4.59 33.46 -23.76
C LEU A 164 -5.59 34.41 -24.41
N ASP A 165 -5.26 35.69 -24.51
CA ASP A 165 -6.06 36.63 -25.31
C ASP A 165 -5.94 36.35 -26.80
N ARG A 166 -4.88 35.66 -27.22
CA ARG A 166 -4.66 35.39 -28.63
C ARG A 166 -4.51 33.92 -29.03
N ILE A 167 -4.15 33.02 -28.09
CA ILE A 167 -3.94 31.62 -28.38
C ILE A 167 -4.66 30.77 -27.35
N SER A 168 -4.83 29.51 -27.69
CA SER A 168 -5.54 28.57 -26.82
C SER A 168 -4.60 28.08 -25.72
N SER A 169 -5.19 27.38 -24.73
N SER A 169 -5.17 27.37 -24.74
CA SER A 169 -4.41 26.83 -23.64
CA SER A 169 -4.36 26.85 -23.64
C SER A 169 -3.45 25.77 -24.14
C SER A 169 -3.48 25.70 -24.07
N TYR A 170 -3.92 24.91 -25.07
CA TYR A 170 -3.02 23.91 -25.60
C TYR A 170 -1.75 24.57 -26.14
N THR A 171 -1.95 25.61 -26.93
CA THR A 171 -0.84 26.28 -27.62
C THR A 171 0.04 27.00 -26.60
N ALA A 172 -0.58 27.59 -25.60
CA ALA A 172 0.20 28.30 -24.54
C ALA A 172 1.03 27.33 -23.72
N PHE A 173 0.44 26.21 -23.31
CA PHE A 173 1.22 25.19 -22.63
C PHE A 173 2.37 24.70 -23.49
N SER A 174 2.13 24.48 -24.79
CA SER A 174 3.22 24.03 -25.65
C SER A 174 4.34 25.06 -25.74
N ARG A 175 3.99 26.33 -25.86
CA ARG A 175 5.02 27.38 -25.84
C ARG A 175 5.77 27.39 -24.53
N LEU A 176 5.05 27.26 -23.42
CA LEU A 176 5.71 27.28 -22.11
C LEU A 176 6.68 26.12 -21.98
N THR A 177 6.25 24.90 -22.35
CA THR A 177 7.11 23.75 -22.18
C THR A 177 8.28 23.83 -23.13
N LEU A 178 8.11 24.47 -24.28
CA LEU A 178 9.26 24.67 -25.17
C LEU A 178 10.27 25.65 -24.58
N LEU A 179 9.79 26.79 -24.11
CA LEU A 179 10.69 27.75 -23.47
C LEU A 179 11.43 27.11 -22.30
N LEU A 180 10.73 26.38 -21.45
CA LEU A 180 11.37 25.81 -20.28
C LEU A 180 12.33 24.69 -20.65
N ARG A 181 11.97 23.89 -21.66
CA ARG A 181 12.88 22.84 -22.12
C ARG A 181 14.17 23.45 -22.65
N ALA A 182 14.09 24.61 -23.30
CA ALA A 182 15.30 25.26 -23.79
C ALA A 182 16.14 25.79 -22.64
N LEU A 183 15.52 26.49 -21.70
CA LEU A 183 16.24 26.99 -20.55
C LEU A 183 16.91 25.87 -19.76
N LYS A 184 16.29 24.68 -19.75
CA LYS A 184 16.85 23.54 -19.04
C LYS A 184 18.06 22.96 -19.76
N THR A 185 18.02 22.90 -21.08
N THR A 185 18.03 22.92 -21.08
CA THR A 185 19.12 22.27 -21.81
CA THR A 185 19.10 22.27 -21.82
C THR A 185 20.30 23.21 -21.97
C THR A 185 20.28 23.20 -22.07
N ASN A 186 20.04 24.50 -22.21
CA ASN A 186 21.11 25.47 -22.36
C ASN A 186 20.63 26.86 -21.95
N GLU A 187 20.66 27.14 -20.64
CA GLU A 187 20.06 28.37 -20.12
C GLU A 187 20.68 29.61 -20.77
N GLU A 188 21.98 29.59 -21.02
CA GLU A 188 22.62 30.79 -21.54
C GLU A 188 22.10 31.11 -22.93
N SER A 189 22.18 30.14 -23.84
CA SER A 189 21.65 30.34 -25.19
C SER A 189 20.18 30.76 -25.15
N ALA A 190 19.37 30.06 -24.36
CA ALA A 190 17.96 30.39 -24.27
C ALA A 190 17.75 31.85 -23.87
N LYS A 191 18.44 32.31 -22.84
CA LYS A 191 18.23 33.68 -22.40
C LYS A 191 18.74 34.67 -23.45
N MET A 192 19.82 34.33 -24.15
CA MET A 192 20.28 35.16 -25.25
CA MET A 192 20.28 35.16 -25.24
C MET A 192 19.18 35.38 -26.29
N ILE A 193 18.47 34.31 -26.64
CA ILE A 193 17.44 34.40 -27.67
C ILE A 193 16.32 35.32 -27.22
N LEU A 194 15.93 35.23 -25.96
CA LEU A 194 14.76 35.95 -25.48
C LEU A 194 15.01 37.46 -25.36
N LEU A 195 16.25 37.86 -25.12
CA LEU A 195 16.58 39.26 -24.91
C LEU A 195 17.38 39.87 -26.06
N SER A 196 17.69 39.10 -27.10
CA SER A 196 18.65 39.54 -28.10
C SER A 196 18.30 40.91 -28.67
N ASP A 197 17.00 41.20 -28.86
CA ASP A 197 16.55 42.44 -29.50
C ASP A 197 16.15 43.47 -28.44
N PRO A 198 16.99 44.48 -28.15
CA PRO A 198 16.69 45.37 -27.02
C PRO A 198 15.34 46.07 -27.10
N THR A 199 14.69 46.09 -28.27
CA THR A 199 13.43 46.82 -28.42
C THR A 199 12.21 46.06 -27.90
N ILE A 200 12.31 44.74 -27.69
CA ILE A 200 11.22 43.94 -27.14
C ILE A 200 11.47 43.80 -25.64
N THR A 201 10.58 44.34 -24.85
CA THR A 201 10.77 44.40 -23.42
C THR A 201 9.84 43.41 -22.72
N ILE A 202 10.03 43.31 -21.41
CA ILE A 202 9.16 42.52 -20.55
C ILE A 202 8.33 43.49 -19.72
N LYS A 203 7.01 43.42 -19.86
CA LYS A 203 6.17 44.33 -19.09
C LYS A 203 6.39 44.08 -17.60
N SER A 204 6.24 45.14 -16.80
CA SER A 204 6.43 44.98 -15.36
C SER A 204 5.54 43.89 -14.78
N TYR A 205 4.34 43.68 -15.33
CA TYR A 205 3.39 42.72 -14.81
C TYR A 205 3.47 41.37 -15.54
N HIS A 206 4.55 41.16 -16.30
CA HIS A 206 4.72 39.94 -17.09
C HIS A 206 6.04 39.25 -16.77
N LEU A 207 6.18 38.03 -17.27
CA LEU A 207 7.38 37.23 -17.02
C LEU A 207 8.24 37.10 -18.25
N TRP A 208 7.63 37.13 -19.42
CA TRP A 208 8.25 36.92 -20.71
C TRP A 208 8.14 38.20 -21.55
N PRO A 209 8.93 38.31 -22.60
CA PRO A 209 8.87 39.49 -23.47
C PRO A 209 7.58 39.63 -24.26
N SER A 210 7.33 40.85 -24.72
CA SER A 210 6.09 41.16 -25.44
C SER A 210 6.24 40.94 -26.95
N PHE A 211 6.39 39.69 -27.34
CA PHE A 211 6.53 39.36 -28.76
C PHE A 211 5.20 39.46 -29.50
N THR A 212 5.26 40.03 -30.69
CA THR A 212 4.18 39.85 -31.62
C THR A 212 4.01 38.38 -31.99
N ASP A 213 2.90 38.06 -32.66
CA ASP A 213 2.70 36.70 -33.12
C ASP A 213 3.84 36.26 -34.04
N GLU A 214 4.28 37.15 -34.94
CA GLU A 214 5.34 36.78 -35.87
C GLU A 214 6.64 36.52 -35.15
N GLN A 215 6.93 37.36 -34.15
CA GLN A 215 8.15 37.21 -33.39
C GLN A 215 8.13 35.96 -32.53
N TRP A 216 6.96 35.58 -32.02
CA TRP A 216 6.88 34.31 -31.29
C TRP A 216 7.22 33.14 -32.19
N ILE A 217 6.80 33.19 -33.46
CA ILE A 217 7.11 32.09 -34.35
C ILE A 217 8.60 31.98 -34.54
N THR A 218 9.24 33.12 -34.80
CA THR A 218 10.70 33.16 -34.89
C THR A 218 11.34 32.61 -33.61
N ILE A 219 10.89 33.13 -32.45
CA ILE A 219 11.45 32.70 -31.18
C ILE A 219 11.29 31.20 -30.99
N GLU A 220 10.07 30.70 -31.19
CA GLU A 220 9.81 29.28 -30.99
C GLU A 220 10.70 28.44 -31.88
N SER A 221 10.95 28.90 -33.11
N SER A 221 10.92 28.89 -33.12
CA SER A 221 11.82 28.15 -34.01
CA SER A 221 11.82 28.16 -34.01
C SER A 221 13.26 28.18 -33.54
C SER A 221 13.24 28.16 -33.47
N GLN A 222 13.72 29.33 -33.04
CA GLN A 222 15.08 29.40 -32.50
C GLN A 222 15.23 28.49 -31.28
N MET A 223 14.17 28.31 -30.48
CA MET A 223 14.25 27.44 -29.31
C MET A 223 14.32 25.96 -29.71
N ARG A 224 13.57 25.57 -30.74
N ARG A 224 13.61 25.57 -30.77
CA ARG A 224 13.66 24.20 -31.25
CA ARG A 224 13.67 24.19 -31.23
C ARG A 224 15.06 23.87 -31.74
C ARG A 224 15.03 23.84 -31.82
N ASP A 225 15.65 24.78 -32.53
CA ASP A 225 17.02 24.59 -33.00
CA ASP A 225 17.02 24.59 -33.00
C ASP A 225 17.97 24.33 -31.83
N LEU A 226 17.93 25.19 -30.82
CA LEU A 226 18.79 25.05 -29.65
C LEU A 226 18.66 23.67 -29.03
N ILE A 227 17.42 23.18 -28.90
CA ILE A 227 17.16 21.91 -28.24
C ILE A 227 17.74 20.75 -29.06
N LEU A 228 17.49 20.75 -30.37
CA LEU A 228 18.06 19.71 -31.23
C LEU A 228 19.58 19.78 -31.21
N THR A 229 20.14 20.95 -31.49
CA THR A 229 21.56 21.21 -31.31
C THR A 229 22.10 20.52 -30.06
N GLU A 230 21.82 21.09 -28.88
CA GLU A 230 22.30 20.52 -27.62
C GLU A 230 22.15 19.00 -27.61
N TYR A 231 21.12 18.52 -28.28
CA TYR A 231 20.93 17.07 -28.42
C TYR A 231 21.94 16.46 -29.38
N GLY A 232 22.52 17.27 -30.26
CA GLY A 232 23.69 16.86 -31.03
C GLY A 232 24.96 17.07 -30.23
N ARG A 233 25.23 18.31 -29.81
CA ARG A 233 26.39 18.58 -28.98
C ARG A 233 26.53 17.55 -27.85
N LYS A 234 25.41 17.18 -27.23
CA LYS A 234 25.45 16.14 -26.21
C LYS A 234 25.86 14.82 -26.84
N TYR A 235 25.04 14.31 -27.76
CA TYR A 235 25.21 12.97 -28.30
C TYR A 235 26.19 12.90 -29.45
N ASN A 236 26.62 14.05 -29.99
CA ASN A 236 27.46 14.11 -31.18
C ASN A 236 26.70 13.49 -32.36
N VAL A 237 25.76 14.25 -32.92
CA VAL A 237 24.98 13.83 -34.08
C VAL A 237 24.84 15.00 -35.06
N MET B 5 -9.46 -37.28 24.86
CA MET B 5 -9.33 -37.38 23.37
C MET B 5 -10.71 -37.42 22.70
N ASN B 6 -10.98 -36.50 21.78
CA ASN B 6 -12.29 -36.46 21.16
C ASN B 6 -12.25 -36.96 19.73
N THR B 7 -13.44 -37.15 19.21
CA THR B 7 -13.66 -37.88 17.96
C THR B 7 -14.65 -37.10 17.12
N VAL B 8 -14.42 -37.11 15.81
CA VAL B 8 -15.35 -36.59 14.83
C VAL B 8 -15.68 -37.73 13.88
N PRO B 9 -16.80 -38.42 14.10
CA PRO B 9 -17.19 -39.53 13.22
C PRO B 9 -17.78 -39.03 11.90
N PHE B 10 -17.67 -39.89 10.90
CA PHE B 10 -18.25 -39.64 9.57
C PHE B 10 -19.35 -40.67 9.33
N THR B 11 -20.52 -40.20 8.89
CA THR B 11 -21.58 -41.15 8.50
C THR B 11 -21.09 -42.12 7.43
N SER B 12 -20.42 -41.60 6.41
CA SER B 12 -19.90 -42.38 5.29
C SER B 12 -18.99 -41.48 4.47
N ALA B 13 -18.37 -42.06 3.44
CA ALA B 13 -17.58 -41.28 2.48
C ALA B 13 -17.98 -41.64 1.05
N PRO B 14 -19.08 -41.05 0.55
CA PRO B 14 -19.59 -41.46 -0.76
C PRO B 14 -18.82 -40.96 -1.97
N ILE B 15 -18.00 -39.93 -1.83
CA ILE B 15 -17.19 -39.50 -2.97
C ILE B 15 -15.73 -39.41 -2.58
N GLU B 16 -14.88 -39.70 -3.55
CA GLU B 16 -13.44 -39.70 -3.36
C GLU B 16 -12.99 -38.29 -3.02
N VAL B 17 -12.27 -38.17 -1.90
CA VAL B 17 -11.95 -36.89 -1.31
C VAL B 17 -10.65 -37.01 -0.56
N THR B 18 -9.85 -35.95 -0.61
CA THR B 18 -8.72 -35.79 0.29
C THR B 18 -9.18 -35.03 1.54
N ILE B 19 -8.97 -35.64 2.71
CA ILE B 19 -9.41 -35.08 3.98
C ILE B 19 -8.18 -34.65 4.74
N GLY B 20 -8.15 -33.41 5.22
CA GLY B 20 -7.05 -33.04 6.09
C GLY B 20 -7.54 -32.65 7.47
N ILE B 21 -6.74 -32.93 8.49
CA ILE B 21 -7.04 -32.57 9.89
C ILE B 21 -5.76 -31.86 10.28
N ASP B 22 -5.80 -30.58 10.65
CA ASP B 22 -4.59 -29.79 11.00
C ASP B 22 -3.62 -29.77 9.80
N GLN B 23 -2.30 -30.07 9.95
CA GLN B 23 -1.28 -30.07 8.90
C GLN B 23 -1.17 -31.48 8.29
N TYR B 24 -1.96 -32.46 8.75
CA TYR B 24 -2.01 -33.84 8.21
C TYR B 24 -3.09 -33.92 7.13
N SER B 25 -2.86 -34.65 6.06
CA SER B 25 -3.85 -34.90 4.99
C SER B 25 -3.77 -36.37 4.62
N PHE B 26 -4.87 -36.98 4.21
CA PHE B 26 -5.00 -38.40 3.80
C PHE B 26 -6.09 -38.51 2.72
N ASN B 27 -5.98 -39.52 1.86
CA ASN B 27 -6.93 -39.71 0.74
C ASN B 27 -7.94 -40.81 1.11
N VAL B 28 -9.21 -40.65 0.74
CA VAL B 28 -10.28 -41.62 0.97
C VAL B 28 -10.91 -41.95 -0.38
N LYS B 29 -11.05 -43.23 -0.67
CA LYS B 29 -11.60 -43.60 -1.96
C LYS B 29 -13.13 -43.58 -1.92
N GLU B 30 -13.74 -43.54 -3.11
CA GLU B 30 -15.19 -43.51 -3.22
C GLU B 30 -15.82 -44.70 -2.49
N ASN B 31 -16.73 -44.43 -1.57
CA ASN B 31 -17.44 -45.44 -0.79
C ASN B 31 -16.49 -46.33 0.02
N GLN B 32 -15.29 -45.85 0.31
CA GLN B 32 -14.42 -46.55 1.24
C GLN B 32 -15.03 -46.53 2.65
N PRO B 33 -14.84 -47.61 3.43
CA PRO B 33 -15.43 -47.68 4.77
C PRO B 33 -14.71 -46.79 5.79
N PHE B 34 -14.86 -45.50 5.58
CA PHE B 34 -14.25 -44.49 6.44
C PHE B 34 -15.30 -43.92 7.35
N HIS B 35 -15.03 -43.91 8.67
CA HIS B 35 -16.06 -43.38 9.56
C HIS B 35 -15.49 -42.43 10.60
N GLY B 36 -14.36 -41.79 10.32
CA GLY B 36 -14.02 -40.57 11.02
C GLY B 36 -12.63 -40.58 11.63
N ILE B 37 -12.43 -39.64 12.54
CA ILE B 37 -11.13 -39.27 13.09
C ILE B 37 -11.23 -39.28 14.62
N LYS B 38 -10.40 -40.09 15.26
CA LYS B 38 -10.40 -40.20 16.72
C LYS B 38 -9.09 -39.66 17.28
N ASP B 39 -9.01 -39.59 18.62
CA ASP B 39 -7.79 -39.19 19.34
C ASP B 39 -7.39 -37.74 19.05
N ILE B 40 -8.38 -36.88 18.81
CA ILE B 40 -8.10 -35.48 18.50
C ILE B 40 -7.76 -34.75 19.80
N PRO B 41 -6.63 -34.05 19.86
CA PRO B 41 -6.21 -33.45 21.12
C PRO B 41 -7.15 -32.38 21.61
N ILE B 42 -7.47 -32.47 22.86
CA ILE B 42 -8.33 -31.50 23.49
C ILE B 42 -7.50 -30.30 23.90
N GLY B 43 -8.11 -29.13 23.79
CA GLY B 43 -7.51 -27.91 24.27
C GLY B 43 -7.10 -26.97 23.19
N HIS B 44 -7.29 -27.37 21.92
CA HIS B 44 -6.92 -26.56 20.78
C HIS B 44 -8.13 -26.50 19.88
N VAL B 45 -8.20 -25.45 19.08
N VAL B 45 -8.24 -25.40 19.12
CA VAL B 45 -9.12 -25.39 17.94
CA VAL B 45 -9.10 -25.42 17.93
C VAL B 45 -8.52 -26.20 16.80
C VAL B 45 -8.54 -26.46 16.96
N HIS B 46 -9.39 -26.87 16.02
CA HIS B 46 -8.97 -27.77 14.98
C HIS B 46 -9.72 -27.36 13.71
N VAL B 47 -9.21 -27.85 12.59
CA VAL B 47 -9.87 -27.65 11.29
C VAL B 47 -9.86 -28.97 10.53
N ILE B 48 -11.01 -29.32 9.96
N ILE B 48 -11.02 -29.40 10.06
CA ILE B 48 -11.15 -30.52 9.15
CA ILE B 48 -11.15 -30.53 9.16
C ILE B 48 -11.60 -30.08 7.76
C ILE B 48 -11.47 -29.94 7.79
N HIS B 49 -10.80 -30.45 6.76
CA HIS B 49 -10.96 -29.83 5.44
C HIS B 49 -10.92 -30.86 4.32
N PHE B 50 -11.39 -30.41 3.15
CA PHE B 50 -11.81 -31.34 2.12
C PHE B 50 -11.37 -30.81 0.77
N GLN B 51 -10.86 -31.70 -0.05
CA GLN B 51 -10.66 -31.38 -1.47
C GLN B 51 -11.14 -32.56 -2.29
N HIS B 52 -12.17 -32.36 -3.09
CA HIS B 52 -12.72 -33.50 -3.82
C HIS B 52 -11.79 -33.98 -4.92
N ALA B 53 -11.81 -35.29 -5.18
CA ALA B 53 -10.92 -35.85 -6.17
C ALA B 53 -11.23 -35.34 -7.55
N ASP B 54 -12.49 -34.97 -7.80
CA ASP B 54 -12.97 -34.68 -9.15
C ASP B 54 -12.98 -33.20 -9.47
N ASN B 55 -12.93 -32.33 -8.47
CA ASN B 55 -12.91 -30.90 -8.69
C ASN B 55 -12.06 -30.30 -7.57
N SER B 56 -10.75 -30.22 -7.82
CA SER B 56 -9.87 -29.59 -6.85
C SER B 56 -10.21 -28.12 -6.65
N SER B 57 -11.11 -27.57 -7.47
CA SER B 57 -11.68 -26.27 -7.14
C SER B 57 -12.44 -26.35 -5.83
N MET B 58 -12.42 -25.27 -5.07
N MET B 58 -12.35 -25.27 -5.06
CA MET B 58 -13.05 -25.26 -3.76
CA MET B 58 -13.00 -25.17 -3.76
C MET B 58 -12.37 -26.26 -2.82
C MET B 58 -12.43 -26.19 -2.78
N ARG B 59 -11.34 -25.82 -2.11
CA ARG B 59 -11.00 -26.43 -0.84
C ARG B 59 -11.97 -25.81 0.17
N TYR B 60 -12.50 -26.61 1.10
CA TYR B 60 -13.38 -26.05 2.11
C TYR B 60 -13.19 -26.85 3.40
N GLY B 61 -13.68 -26.31 4.50
CA GLY B 61 -13.54 -27.04 5.76
C GLY B 61 -14.21 -26.30 6.91
N TYR B 62 -14.00 -26.83 8.13
CA TYR B 62 -14.74 -26.42 9.30
C TYR B 62 -13.76 -26.27 10.46
N TRP B 63 -13.78 -25.09 11.09
CA TRP B 63 -13.06 -24.84 12.35
C TRP B 63 -13.98 -25.23 13.51
N PHE B 64 -13.43 -25.97 14.49
CA PHE B 64 -14.22 -26.45 15.62
C PHE B 64 -13.33 -26.67 16.86
N ASP B 65 -14.00 -26.88 18.00
CA ASP B 65 -13.36 -27.09 19.32
C ASP B 65 -14.25 -28.13 19.99
N CYS B 66 -13.71 -29.34 20.18
CA CYS B 66 -14.50 -30.45 20.69
C CYS B 66 -15.03 -30.21 22.10
N ARG B 67 -14.52 -29.22 22.82
CA ARG B 67 -15.10 -28.90 24.12
C ARG B 67 -16.48 -28.28 23.98
N MET B 68 -16.81 -27.73 22.82
N MET B 68 -16.80 -27.71 22.82
CA MET B 68 -18.05 -26.99 22.63
CA MET B 68 -18.04 -26.98 22.61
C MET B 68 -19.19 -27.86 22.12
C MET B 68 -19.17 -27.84 22.08
N GLY B 69 -18.97 -29.14 21.92
CA GLY B 69 -20.03 -30.01 21.45
C GLY B 69 -19.47 -31.23 20.78
N ASN B 70 -20.39 -32.16 20.49
CA ASN B 70 -20.09 -33.34 19.69
C ASN B 70 -20.44 -33.08 18.22
N PHE B 71 -19.43 -33.16 17.37
CA PHE B 71 -19.57 -32.80 15.96
C PHE B 71 -19.27 -34.02 15.10
N TYR B 72 -19.98 -34.11 13.97
CA TYR B 72 -19.78 -35.16 13.00
C TYR B 72 -19.88 -34.61 11.57
N ILE B 73 -19.40 -35.41 10.63
CA ILE B 73 -19.46 -35.10 9.19
C ILE B 73 -20.43 -36.04 8.47
N GLN B 74 -21.18 -35.50 7.51
CA GLN B 74 -22.11 -36.29 6.71
C GLN B 74 -22.11 -35.68 5.32
N TYR B 75 -21.95 -36.50 4.29
CA TYR B 75 -22.04 -35.97 2.93
C TYR B 75 -23.47 -35.62 2.58
N ASP B 76 -23.67 -34.46 1.92
CA ASP B 76 -24.96 -34.07 1.38
C ASP B 76 -24.97 -34.17 -0.14
N PRO B 77 -25.72 -35.11 -0.72
CA PRO B 77 -25.69 -35.27 -2.19
C PRO B 77 -26.41 -34.18 -2.94
N LYS B 78 -27.16 -33.33 -2.25
CA LYS B 78 -27.86 -32.25 -2.95
C LYS B 78 -26.93 -31.06 -3.12
N ASP B 79 -26.30 -30.63 -2.01
CA ASP B 79 -25.34 -29.54 -2.04
C ASP B 79 -23.94 -29.99 -2.40
N GLY B 80 -23.70 -31.30 -2.41
CA GLY B 80 -22.49 -31.84 -2.97
C GLY B 80 -21.27 -31.61 -2.11
N LEU B 81 -21.45 -31.59 -0.80
CA LEU B 81 -20.26 -31.46 0.03
C LEU B 81 -20.42 -32.19 1.35
N TYR B 82 -19.27 -32.36 1.98
CA TYR B 82 -19.22 -32.90 3.33
C TYR B 82 -19.60 -31.80 4.32
N LYS B 83 -20.66 -32.03 5.09
CA LYS B 83 -21.14 -30.99 6.00
C LYS B 83 -20.84 -31.38 7.45
N MET B 84 -20.42 -30.40 8.26
CA MET B 84 -20.27 -30.64 9.69
C MET B 84 -21.64 -30.41 10.33
N MET B 85 -21.99 -31.25 11.30
CA MET B 85 -23.23 -31.09 12.06
C MET B 85 -22.96 -31.37 13.52
N GLU B 86 -23.83 -30.87 14.40
CA GLU B 86 -23.76 -31.14 15.83
C GLU B 86 -24.81 -32.16 16.20
N GLU B 87 -24.42 -33.17 16.99
CA GLU B 87 -25.34 -34.13 17.58
C GLU B 87 -25.63 -33.69 19.01
N ARG B 88 -26.91 -33.42 19.31
CA ARG B 88 -27.28 -32.95 20.64
C ARG B 88 -27.47 -34.10 21.63
N ASP B 89 -27.77 -35.28 21.13
CA ASP B 89 -28.02 -36.47 21.95
C ASP B 89 -26.70 -37.11 22.31
N GLY B 90 -26.22 -36.83 23.53
CA GLY B 90 -24.89 -37.27 23.93
C GLY B 90 -24.70 -38.78 23.88
N ALA B 91 -25.75 -39.53 24.22
CA ALA B 91 -25.60 -40.99 24.30
C ALA B 91 -25.73 -41.63 22.92
N LYS B 92 -26.55 -41.05 22.05
CA LYS B 92 -26.55 -41.47 20.66
C LYS B 92 -25.16 -41.34 20.04
N PHE B 93 -24.40 -40.33 20.48
CA PHE B 93 -23.10 -40.05 19.87
C PHE B 93 -22.02 -40.96 20.40
N GLU B 94 -21.88 -41.05 21.73
CA GLU B 94 -20.90 -41.98 22.29
C GLU B 94 -21.13 -43.38 21.73
N ASN B 95 -22.39 -43.73 21.53
CA ASN B 95 -22.70 -45.06 21.01
C ASN B 95 -22.21 -45.21 19.58
N ILE B 96 -22.54 -44.24 18.72
CA ILE B 96 -22.00 -44.22 17.37
C ILE B 96 -20.49 -44.34 17.41
N VAL B 97 -19.85 -43.52 18.23
CA VAL B 97 -18.40 -43.49 18.22
C VAL B 97 -17.83 -44.82 18.72
N HIS B 98 -18.36 -45.29 19.85
CA HIS B 98 -17.87 -46.56 20.39
C HIS B 98 -17.98 -47.70 19.36
N ASN B 99 -19.11 -47.81 18.67
CA ASN B 99 -19.24 -48.88 17.68
C ASN B 99 -18.25 -48.70 16.53
N PHE B 100 -18.00 -47.46 16.11
CA PHE B 100 -17.07 -47.27 15.00
C PHE B 100 -15.65 -47.61 15.43
N LYS B 101 -15.29 -47.24 16.67
CA LYS B 101 -13.97 -47.56 17.19
C LYS B 101 -13.77 -49.05 17.33
N GLU B 102 -14.82 -49.76 17.74
CA GLU B 102 -14.74 -51.21 17.89
C GLU B 102 -14.51 -51.89 16.54
N ARG B 103 -15.10 -51.36 15.49
CA ARG B 103 -14.86 -51.90 14.16
C ARG B 103 -13.63 -51.31 13.50
N GLN B 104 -12.88 -50.46 14.23
CA GLN B 104 -11.62 -49.83 13.79
C GLN B 104 -11.80 -49.20 12.40
N MET B 105 -12.85 -48.40 12.28
CA MET B 105 -13.12 -47.69 11.04
C MET B 105 -12.77 -46.20 11.16
N MET B 106 -11.95 -45.82 12.10
CA MET B 106 -11.59 -44.39 12.25
C MET B 106 -10.07 -44.24 12.23
N VAL B 107 -9.53 -43.27 11.49
CA VAL B 107 -8.07 -43.00 11.48
C VAL B 107 -7.75 -42.28 12.79
N SER B 108 -6.54 -42.43 13.33
CA SER B 108 -6.16 -41.82 14.62
C SER B 108 -5.29 -40.58 14.40
N TYR B 109 -5.65 -39.44 14.98
CA TYR B 109 -4.85 -38.21 14.90
C TYR B 109 -3.52 -38.61 15.52
N PRO B 110 -2.37 -38.44 14.85
CA PRO B 110 -1.08 -38.90 15.38
C PRO B 110 -0.62 -38.17 16.66
N LYS B 111 -0.22 -39.06 17.57
CA LYS B 111 0.12 -38.86 19.01
C LYS B 111 1.40 -38.05 19.22
N ILE B 112 2.44 -38.28 18.43
CA ILE B 112 3.75 -37.62 18.69
C ILE B 112 3.90 -36.37 17.81
N ASP B 113 4.15 -35.20 18.41
CA ASP B 113 4.44 -33.91 17.74
C ASP B 113 5.69 -33.42 18.48
N GLU B 114 6.88 -33.88 18.10
CA GLU B 114 8.15 -33.58 18.84
C GLU B 114 8.31 -32.07 18.93
N ASP B 115 8.12 -31.39 17.81
CA ASP B 115 7.97 -29.91 17.81
C ASP B 115 6.46 -29.81 17.81
N ASP B 116 5.83 -29.11 18.76
CA ASP B 116 4.35 -29.09 18.82
C ASP B 116 3.93 -28.07 17.76
N THR B 117 3.80 -28.52 16.52
CA THR B 117 3.48 -27.67 15.36
C THR B 117 2.10 -27.08 15.54
N TRP B 118 1.16 -27.88 16.01
CA TRP B 118 -0.21 -27.34 15.97
C TRP B 118 -0.44 -26.34 17.08
N TYR B 119 0.06 -26.64 18.28
CA TYR B 119 -0.02 -25.67 19.35
C TYR B 119 0.62 -24.37 18.90
N ASN B 120 1.78 -24.46 18.27
CA ASN B 120 2.49 -23.24 17.92
C ASN B 120 1.80 -22.45 16.82
N LEU B 121 0.95 -23.09 16.04
CA LEU B 121 0.24 -22.39 14.98
C LEU B 121 -1.08 -21.80 15.43
N THR B 122 -1.63 -22.31 16.54
CA THR B 122 -2.95 -21.93 17.04
C THR B 122 -2.89 -21.37 18.46
N GLU B 123 -1.68 -21.09 18.96
CA GLU B 123 -1.49 -20.61 20.33
C GLU B 123 -2.50 -19.58 20.79
N PHE B 124 -2.80 -18.56 19.96
CA PHE B 124 -3.69 -17.46 20.33
C PHE B 124 -5.04 -17.53 19.64
N VAL B 125 -5.35 -18.62 18.94
CA VAL B 125 -6.60 -18.73 18.18
C VAL B 125 -7.65 -19.32 19.09
N GLN B 126 -8.78 -18.63 19.23
N GLN B 126 -8.74 -18.59 19.29
CA GLN B 126 -9.87 -19.06 20.11
CA GLN B 126 -9.87 -19.03 20.07
C GLN B 126 -11.17 -19.10 19.32
C GLN B 126 -11.10 -19.21 19.17
N MET B 127 -11.95 -20.17 19.53
CA MET B 127 -13.18 -20.34 18.76
C MET B 127 -14.04 -19.08 18.79
N ASP B 128 -14.17 -18.44 19.95
CA ASP B 128 -15.06 -17.30 20.04
C ASP B 128 -14.64 -16.20 19.07
N LYS B 129 -13.33 -16.01 18.89
CA LYS B 129 -12.87 -15.00 17.94
C LYS B 129 -13.14 -15.42 16.50
N ILE B 130 -12.90 -16.71 16.18
CA ILE B 130 -13.20 -17.25 14.85
C ILE B 130 -14.66 -16.98 14.51
N ARG B 131 -15.56 -17.19 15.47
CA ARG B 131 -16.99 -17.06 15.20
C ARG B 131 -17.40 -15.62 14.97
N LYS B 132 -16.59 -14.65 15.40
CA LYS B 132 -16.84 -13.25 15.08
C LYS B 132 -16.28 -12.88 13.70
N ILE B 133 -15.23 -13.55 13.26
CA ILE B 133 -14.74 -13.36 11.89
C ILE B 133 -15.65 -14.06 10.90
N VAL B 134 -16.16 -15.26 11.24
CA VAL B 134 -17.02 -16.07 10.36
C VAL B 134 -18.41 -16.12 11.01
N ARG B 135 -19.35 -15.33 10.52
CA ARG B 135 -20.61 -15.11 11.21
C ARG B 135 -21.67 -16.12 10.78
N LYS B 136 -22.01 -17.04 11.67
CA LYS B 136 -23.11 -17.97 11.46
C LYS B 136 -23.53 -18.54 12.80
N ASP B 137 -24.29 -17.76 13.57
CA ASP B 137 -24.43 -17.98 15.00
C ASP B 137 -25.22 -19.24 15.34
N GLU B 138 -25.92 -19.84 14.38
CA GLU B 138 -26.66 -21.07 14.67
C GLU B 138 -25.76 -22.29 14.81
N ASN B 139 -24.49 -22.19 14.43
CA ASN B 139 -23.57 -23.32 14.51
C ASN B 139 -22.40 -22.99 15.43
N GLN B 140 -21.92 -24.00 16.14
CA GLN B 140 -20.77 -23.85 17.04
C GLN B 140 -19.43 -23.94 16.32
N PHE B 141 -19.45 -24.33 15.04
CA PHE B 141 -18.28 -24.54 14.21
C PHE B 141 -18.38 -23.56 13.03
N SER B 142 -17.28 -23.35 12.30
CA SER B 142 -17.19 -22.28 11.29
C SER B 142 -16.72 -22.82 9.95
N TYR B 143 -17.53 -22.59 8.89
CA TYR B 143 -17.17 -22.98 7.53
C TYR B 143 -16.32 -21.92 6.85
N VAL B 144 -15.27 -22.35 6.16
CA VAL B 144 -14.42 -21.46 5.39
C VAL B 144 -14.08 -22.18 4.08
N ASP B 145 -13.96 -21.43 2.98
CA ASP B 145 -13.50 -22.04 1.72
C ASP B 145 -12.62 -21.09 0.91
N SER B 146 -12.06 -21.66 -0.17
CA SER B 146 -11.12 -20.96 -1.04
C SER B 146 -11.66 -19.64 -1.56
N SER B 147 -12.95 -19.58 -1.87
CA SER B 147 -13.49 -18.45 -2.62
C SER B 147 -14.03 -17.32 -1.74
N MET B 148 -14.22 -17.51 -0.43
CA MET B 148 -14.81 -16.47 0.39
C MET B 148 -13.95 -15.20 0.39
N THR B 149 -14.61 -14.07 0.24
CA THR B 149 -13.93 -12.79 0.22
C THR B 149 -14.03 -12.14 1.57
N THR B 150 -13.16 -11.16 1.81
CA THR B 150 -13.13 -10.43 3.06
C THR B 150 -13.95 -9.15 2.94
N VAL B 151 -14.42 -8.66 4.09
CA VAL B 151 -15.12 -7.38 4.13
C VAL B 151 -14.34 -6.33 3.34
N GLN B 152 -13.03 -6.23 3.58
CA GLN B 152 -12.25 -5.21 2.89
C GLN B 152 -12.22 -5.44 1.39
N GLU B 153 -12.06 -6.69 0.95
CA GLU B 153 -12.12 -6.98 -0.48
C GLU B 153 -13.48 -6.56 -1.05
N ASN B 154 -14.54 -6.76 -0.27
CA ASN B 154 -15.89 -6.38 -0.72
C ASN B 154 -16.02 -4.87 -0.87
N GLU B 155 -15.30 -4.10 -0.06
CA GLU B 155 -15.39 -2.63 -0.17
C GLU B 155 -14.81 -2.15 -1.50
N LEU B 156 -13.75 -2.78 -1.98
CA LEU B 156 -13.05 -2.32 -3.17
C LEU B 156 -13.65 -2.97 -4.43
N SER B 161 -19.48 -10.34 -2.63
CA SER B 161 -20.44 -9.26 -2.36
C SER B 161 -21.39 -9.67 -1.23
N ASP B 162 -21.77 -10.95 -1.20
CA ASP B 162 -22.76 -11.45 -0.25
C ASP B 162 -22.22 -11.36 1.17
N PRO B 163 -22.73 -10.46 2.02
CA PRO B 163 -22.09 -10.27 3.33
C PRO B 163 -22.19 -11.48 4.25
N ALA B 164 -23.24 -12.29 4.11
CA ALA B 164 -23.42 -13.43 5.00
C ALA B 164 -22.31 -14.46 4.87
N HIS B 165 -21.53 -14.39 3.79
CA HIS B 165 -20.49 -15.35 3.48
C HIS B 165 -19.11 -14.70 3.48
N SER B 166 -18.95 -13.57 4.16
CA SER B 166 -17.70 -12.83 4.19
C SER B 166 -16.83 -13.27 5.36
N LEU B 167 -15.52 -13.04 5.21
CA LEU B 167 -14.57 -13.08 6.32
C LEU B 167 -14.42 -11.69 6.91
N ASN B 168 -14.89 -11.50 8.13
N ASN B 168 -14.87 -11.53 8.14
CA ASN B 168 -14.92 -10.17 8.75
CA ASN B 168 -14.92 -10.24 8.85
C ASN B 168 -13.66 -9.93 9.58
C ASN B 168 -13.63 -9.97 9.62
N TYR B 169 -12.53 -9.97 8.88
CA TYR B 169 -11.26 -9.59 9.47
C TYR B 169 -11.24 -8.09 9.76
N THR B 170 -10.36 -7.70 10.68
CA THR B 170 -10.23 -6.30 11.06
C THR B 170 -9.62 -5.53 9.89
N VAL B 171 -10.26 -4.44 9.47
CA VAL B 171 -9.73 -3.70 8.33
C VAL B 171 -8.48 -2.92 8.72
N ILE B 172 -7.42 -3.11 7.95
CA ILE B 172 -6.17 -2.39 8.10
C ILE B 172 -5.91 -1.68 6.77
N ASN B 173 -5.63 -0.40 6.83
CA ASN B 173 -5.43 0.37 5.60
C ASN B 173 -4.48 1.51 5.98
N PHE B 174 -3.25 1.44 5.46
CA PHE B 174 -2.16 2.32 5.86
C PHE B 174 -2.33 3.74 5.34
N LYS B 175 -3.18 3.94 4.35
CA LYS B 175 -3.47 5.30 3.84
C LYS B 175 -4.95 5.56 4.10
N SER B 176 -5.29 5.68 5.38
CA SER B 176 -6.64 5.89 5.84
C SER B 176 -6.60 6.88 7.01
N ARG B 177 -7.71 7.58 7.22
CA ARG B 177 -7.78 8.47 8.38
C ARG B 177 -7.63 7.70 9.68
N GLU B 178 -8.08 6.44 9.75
CA GLU B 178 -7.85 5.69 10.99
C GLU B 178 -6.36 5.53 11.27
N ALA B 179 -5.55 5.45 10.22
CA ALA B 179 -4.12 5.19 10.39
C ALA B 179 -3.27 6.42 10.57
N ILE B 180 -3.78 7.58 10.18
CA ILE B 180 -2.99 8.80 10.04
C ILE B 180 -3.66 9.85 10.89
N ARG B 181 -2.96 10.30 11.97
CA ARG B 181 -3.42 11.41 12.78
C ARG B 181 -3.28 12.72 12.00
N PRO B 182 -4.32 13.51 11.89
CA PRO B 182 -4.17 14.85 11.29
C PRO B 182 -3.06 15.65 11.96
N GLY B 183 -2.19 16.24 11.13
CA GLY B 183 -1.01 16.91 11.64
C GLY B 183 0.20 16.02 11.89
N HIS B 184 0.02 14.70 11.95
CA HIS B 184 1.15 13.77 12.04
C HIS B 184 1.28 12.92 10.78
N GLU B 185 0.94 13.48 9.62
CA GLU B 185 0.87 12.71 8.38
C GLU B 185 2.16 11.94 8.13
N MET B 186 3.27 12.65 7.99
CA MET B 186 4.54 11.97 7.71
C MET B 186 4.92 11.07 8.86
N GLU B 187 4.78 11.57 10.09
CA GLU B 187 5.24 10.75 11.21
C GLU B 187 4.51 9.43 11.24
N ASP B 188 3.18 9.48 11.09
CA ASP B 188 2.39 8.26 11.25
C ASP B 188 2.52 7.32 10.07
N PHE B 189 2.84 7.84 8.87
CA PHE B 189 2.93 6.98 7.71
C PHE B 189 4.27 6.27 7.67
N LEU B 190 5.32 6.93 8.17
CA LEU B 190 6.63 6.32 8.18
C LEU B 190 6.88 5.47 9.41
N ASP B 191 6.13 5.71 10.51
CA ASP B 191 6.27 4.96 11.79
C ASP B 191 4.84 4.66 12.25
N LYS B 192 4.39 3.42 12.06
CA LYS B 192 2.99 3.16 12.32
C LYS B 192 2.69 2.81 13.76
N SER B 193 3.58 3.15 14.70
CA SER B 193 3.40 2.74 16.10
C SER B 193 2.06 3.24 16.67
N TYR B 194 1.63 4.46 16.31
N TYR B 194 1.69 4.48 16.35
N TYR B 194 1.65 4.47 16.34
CA TYR B 194 0.38 4.95 16.87
CA TYR B 194 0.39 5.01 16.77
CA TYR B 194 0.38 4.96 16.83
C TYR B 194 -0.81 4.14 16.36
C TYR B 194 -0.71 4.04 16.38
C TYR B 194 -0.76 4.06 16.38
N TYR B 195 -0.76 3.71 15.09
CA TYR B 195 -1.82 2.87 14.55
C TYR B 195 -1.76 1.47 15.18
N LEU B 196 -0.56 0.94 15.38
CA LEU B 196 -0.43 -0.39 16.00
C LEU B 196 -0.92 -0.36 17.44
N ASN B 197 -0.28 0.51 18.25
CA ASN B 197 -0.38 0.42 19.71
C ASN B 197 -1.65 1.07 20.24
N THR B 198 -2.06 2.19 19.68
CA THR B 198 -3.23 2.91 20.18
C THR B 198 -4.53 2.53 19.47
N VAL B 199 -4.54 2.60 18.14
CA VAL B 199 -5.75 2.31 17.40
C VAL B 199 -6.11 0.82 17.51
N MET B 200 -5.15 -0.04 17.19
CA MET B 200 -5.45 -1.46 17.01
C MET B 200 -5.32 -2.26 18.31
N LEU B 201 -4.18 -2.15 18.99
CA LEU B 201 -3.99 -2.95 20.21
C LEU B 201 -4.86 -2.46 21.36
N GLN B 202 -4.77 -1.17 21.70
N GLN B 202 -4.77 -1.18 21.71
CA GLN B 202 -5.55 -0.66 22.81
CA GLN B 202 -5.55 -0.67 22.83
C GLN B 202 -7.02 -0.49 22.47
C GLN B 202 -7.03 -0.51 22.45
N GLY B 203 -7.31 0.02 21.26
CA GLY B 203 -8.68 0.26 20.88
C GLY B 203 -9.49 -0.92 20.37
N ILE B 204 -8.97 -1.64 19.39
CA ILE B 204 -9.76 -2.60 18.63
C ILE B 204 -9.57 -4.02 19.15
N PHE B 205 -8.33 -4.47 19.25
CA PHE B 205 -8.05 -5.83 19.70
C PHE B 205 -7.97 -5.97 21.23
N LYS B 206 -7.68 -4.87 21.93
CA LYS B 206 -7.59 -4.82 23.39
C LYS B 206 -6.30 -5.39 23.96
N ASN B 207 -5.75 -6.46 23.36
CA ASN B 207 -4.45 -6.97 23.78
C ASN B 207 -3.79 -7.66 22.60
N SER B 208 -2.49 -7.94 22.73
CA SER B 208 -1.75 -8.57 21.64
C SER B 208 -2.16 -10.02 21.42
N SER B 209 -2.59 -10.73 22.46
CA SER B 209 -3.07 -12.10 22.22
C SER B 209 -4.17 -12.16 21.15
N ASN B 210 -5.14 -11.22 21.21
CA ASN B 210 -6.22 -11.20 20.23
C ASN B 210 -5.73 -10.80 18.83
N TYR B 211 -4.78 -9.87 18.78
CA TYR B 211 -4.13 -9.53 17.51
C TYR B 211 -3.45 -10.75 16.94
N PHE B 212 -2.67 -11.46 17.76
CA PHE B 212 -1.99 -12.64 17.26
C PHE B 212 -2.96 -13.74 16.85
N GLY B 213 -4.09 -13.87 17.53
CA GLY B 213 -5.03 -14.91 17.17
C GLY B 213 -5.60 -14.69 15.76
N GLU B 214 -5.93 -13.42 15.43
CA GLU B 214 -6.44 -13.13 14.09
C GLU B 214 -5.35 -13.31 13.04
N LEU B 215 -4.11 -12.91 13.37
CA LEU B 215 -3.01 -13.13 12.45
C LEU B 215 -2.79 -14.61 12.17
N GLN B 216 -2.84 -15.46 13.21
CA GLN B 216 -2.67 -16.89 13.02
C GLN B 216 -3.81 -17.49 12.23
N PHE B 217 -5.05 -17.07 12.50
CA PHE B 217 -6.21 -17.59 11.79
C PHE B 217 -6.18 -17.22 10.32
N ALA B 218 -5.78 -15.98 10.03
CA ALA B 218 -5.65 -15.57 8.65
C ALA B 218 -4.59 -16.41 7.93
N PHE B 219 -3.44 -16.64 8.55
CA PHE B 219 -2.45 -17.51 7.92
C PHE B 219 -3.03 -18.89 7.62
N LEU B 220 -3.69 -19.48 8.62
CA LEU B 220 -4.17 -20.85 8.47
C LEU B 220 -5.21 -20.99 7.34
N ASN B 221 -6.09 -19.98 7.19
CA ASN B 221 -7.05 -20.00 6.08
CA ASN B 221 -7.05 -19.98 6.09
C ASN B 221 -6.34 -19.81 4.76
N ALA B 222 -5.29 -18.98 4.74
CA ALA B 222 -4.50 -18.86 3.51
C ALA B 222 -3.84 -20.17 3.14
N MET B 223 -3.19 -20.85 4.12
CA MET B 223 -2.49 -22.10 3.82
C MET B 223 -3.44 -23.23 3.47
N PHE B 224 -4.50 -23.41 4.23
CA PHE B 224 -5.31 -24.62 4.03
C PHE B 224 -6.31 -24.46 2.90
N PHE B 225 -6.78 -23.24 2.61
CA PHE B 225 -7.81 -23.09 1.59
C PHE B 225 -7.35 -22.23 0.42
N GLY B 226 -6.09 -21.77 0.41
CA GLY B 226 -5.69 -20.82 -0.61
C GLY B 226 -6.54 -19.58 -0.66
N ASN B 227 -7.07 -19.16 0.48
CA ASN B 227 -7.92 -17.98 0.54
C ASN B 227 -7.06 -16.72 0.39
N TYR B 228 -7.25 -16.02 -0.73
CA TYR B 228 -6.43 -14.87 -1.08
C TYR B 228 -6.62 -13.73 -0.10
N GLY B 229 -7.86 -13.42 0.26
CA GLY B 229 -8.05 -12.33 1.19
C GLY B 229 -7.43 -12.57 2.55
N SER B 230 -7.38 -13.85 2.95
CA SER B 230 -6.74 -14.20 4.20
C SER B 230 -5.24 -13.97 4.11
N SER B 231 -4.63 -14.34 2.98
CA SER B 231 -3.20 -14.04 2.82
C SER B 231 -2.94 -12.54 2.87
N LEU B 232 -3.78 -11.75 2.21
CA LEU B 232 -3.64 -10.30 2.29
C LEU B 232 -3.67 -9.84 3.76
N GLN B 233 -4.59 -10.43 4.55
CA GLN B 233 -4.78 -10.00 5.92
C GLN B 233 -3.56 -10.37 6.76
N TRP B 234 -3.11 -11.64 6.67
CA TRP B 234 -1.89 -12.08 7.34
C TRP B 234 -0.72 -11.13 7.08
N HIS B 235 -0.47 -10.80 5.81
CA HIS B 235 0.68 -9.93 5.52
C HIS B 235 0.48 -8.53 6.04
N ALA B 236 -0.75 -8.02 6.02
CA ALA B 236 -0.95 -6.67 6.53
C ALA B 236 -0.72 -6.60 8.04
N MET B 237 -1.09 -7.66 8.75
CA MET B 237 -0.89 -7.64 10.20
C MET B 237 0.59 -7.76 10.57
N ILE B 238 1.36 -8.46 9.74
CA ILE B 238 2.79 -8.53 9.92
C ILE B 238 3.40 -7.16 9.63
N GLU B 239 3.02 -6.61 8.50
CA GLU B 239 3.61 -5.34 8.06
C GLU B 239 3.33 -4.24 9.06
N LEU B 240 2.13 -4.23 9.64
CA LEU B 240 1.84 -3.20 10.65
C LEU B 240 2.78 -3.28 11.85
N ILE B 241 3.15 -4.49 12.31
CA ILE B 241 4.12 -4.58 13.37
C ILE B 241 5.52 -4.19 12.89
N CYS B 242 5.93 -4.70 11.74
CA CYS B 242 7.31 -4.49 11.32
C CYS B 242 7.56 -3.03 10.99
N SER B 243 6.52 -2.31 10.62
CA SER B 243 6.63 -0.90 10.26
C SER B 243 6.37 0.05 11.41
N SER B 244 6.35 -0.45 12.64
CA SER B 244 6.23 0.35 13.85
C SER B 244 7.58 0.39 14.56
N ALA B 245 8.09 1.59 14.84
CA ALA B 245 9.34 1.70 15.57
C ALA B 245 9.21 1.30 17.03
N THR B 246 8.01 1.37 17.61
CA THR B 246 7.81 1.13 19.04
C THR B 246 6.84 -0.04 19.20
N VAL B 247 7.37 -1.19 19.59
CA VAL B 247 6.58 -2.39 19.78
C VAL B 247 6.96 -3.02 21.12
N PRO B 248 5.99 -3.34 21.97
CA PRO B 248 6.31 -4.08 23.19
C PRO B 248 7.24 -5.26 22.99
N LYS B 249 8.24 -5.37 23.87
CA LYS B 249 9.29 -6.38 23.68
C LYS B 249 8.72 -7.79 23.65
N HIS B 250 7.64 -8.04 24.40
CA HIS B 250 7.10 -9.39 24.44
C HIS B 250 6.44 -9.73 23.12
N MET B 251 5.86 -8.72 22.46
CA MET B 251 5.24 -8.95 21.18
C MET B 251 6.26 -9.30 20.13
N LEU B 252 7.39 -8.61 20.11
CA LEU B 252 8.39 -8.89 19.07
C LEU B 252 8.93 -10.29 19.23
N ASP B 253 9.28 -10.67 20.45
CA ASP B 253 9.76 -12.04 20.65
C ASP B 253 8.69 -13.07 20.26
N LYS B 254 7.44 -12.83 20.66
CA LYS B 254 6.41 -13.80 20.30
C LYS B 254 6.19 -13.83 18.79
N LEU B 255 6.19 -12.66 18.13
CA LEU B 255 6.00 -12.64 16.68
C LEU B 255 7.04 -13.50 15.97
N ASP B 256 8.30 -13.43 16.44
CA ASP B 256 9.34 -14.23 15.80
C ASP B 256 9.00 -15.71 15.87
N GLU B 257 8.48 -16.16 17.01
CA GLU B 257 8.10 -17.58 17.16
C GLU B 257 6.90 -17.91 16.29
N ILE B 258 5.96 -16.97 16.20
CA ILE B 258 4.76 -17.22 15.40
C ILE B 258 5.15 -17.43 13.94
N LEU B 259 5.86 -16.47 13.38
CA LEU B 259 6.15 -16.54 11.95
C LEU B 259 7.05 -17.71 11.62
N TYR B 260 7.97 -18.03 12.53
CA TYR B 260 8.87 -19.16 12.32
C TYR B 260 8.08 -20.42 12.06
N TYR B 261 7.09 -20.70 12.92
CA TYR B 261 6.30 -21.91 12.73
C TYR B 261 5.41 -21.86 11.49
N GLN B 262 4.97 -20.67 11.09
CA GLN B 262 4.17 -20.56 9.88
C GLN B 262 5.02 -20.84 8.67
N ILE B 263 6.21 -20.24 8.60
CA ILE B 263 7.08 -20.49 7.46
C ILE B 263 7.54 -21.94 7.49
N LYS B 264 7.79 -22.49 8.67
CA LYS B 264 8.22 -23.88 8.72
C LYS B 264 7.15 -24.83 8.16
N THR B 265 5.88 -24.52 8.35
CA THR B 265 4.79 -25.42 7.99
C THR B 265 4.32 -25.25 6.55
N LEU B 266 4.64 -24.13 5.93
CA LEU B 266 4.19 -23.84 4.57
C LEU B 266 4.70 -24.88 3.59
N PRO B 267 3.86 -25.39 2.69
CA PRO B 267 4.37 -26.22 1.59
C PRO B 267 5.44 -25.50 0.79
N GLU B 268 6.54 -26.21 0.53
CA GLU B 268 7.68 -25.61 -0.17
C GLU B 268 7.30 -25.14 -1.56
N GLN B 269 6.27 -25.72 -2.16
CA GLN B 269 5.87 -25.41 -3.53
C GLN B 269 4.78 -24.35 -3.60
N TYR B 270 4.37 -23.78 -2.46
CA TYR B 270 3.34 -22.75 -2.44
C TYR B 270 3.92 -21.38 -2.13
N SER B 271 5.25 -21.27 -2.00
CA SER B 271 5.86 -19.99 -1.65
C SER B 271 5.79 -18.99 -2.80
N ASP B 272 5.50 -19.44 -4.02
CA ASP B 272 5.36 -18.51 -5.13
C ASP B 272 4.10 -17.65 -5.00
N ILE B 273 3.07 -18.16 -4.32
CA ILE B 273 1.77 -17.51 -4.27
C ILE B 273 1.44 -16.97 -2.88
N LEU B 274 1.74 -17.72 -1.82
CA LEU B 274 1.31 -17.35 -0.49
C LEU B 274 2.26 -16.38 0.21
N LEU B 275 3.42 -16.06 -0.36
CA LEU B 275 4.37 -15.17 0.30
C LEU B 275 4.51 -13.93 -0.57
N ASN B 276 4.41 -12.76 0.06
CA ASN B 276 4.47 -11.48 -0.64
C ASN B 276 5.87 -10.90 -0.50
N GLU B 277 6.63 -10.97 -1.60
CA GLU B 277 8.00 -10.49 -1.65
C GLU B 277 8.19 -9.17 -0.93
N ARG B 278 7.39 -8.17 -1.31
CA ARG B 278 7.61 -6.84 -0.79
C ARG B 278 7.54 -6.82 0.73
N VAL B 279 6.50 -7.43 1.28
CA VAL B 279 6.32 -7.38 2.73
C VAL B 279 7.50 -8.04 3.43
N TRP B 280 7.91 -9.21 2.95
CA TRP B 280 8.96 -9.96 3.66
C TRP B 280 10.30 -9.25 3.54
N ASN B 281 10.65 -8.74 2.37
CA ASN B 281 11.90 -7.99 2.25
C ASN B 281 11.91 -6.75 3.14
N ILE B 282 10.80 -6.02 3.18
CA ILE B 282 10.72 -4.86 4.06
C ILE B 282 10.80 -5.28 5.51
N CYS B 283 10.14 -6.39 5.86
CA CYS B 283 10.08 -6.77 7.27
C CYS B 283 11.42 -7.28 7.78
N LEU B 284 12.10 -8.13 7.01
CA LEU B 284 13.34 -8.74 7.47
C LEU B 284 14.56 -7.86 7.26
N TYR B 285 14.51 -6.91 6.32
CA TYR B 285 15.72 -6.22 5.87
C TYR B 285 15.66 -4.71 5.87
N SER B 286 14.48 -4.10 5.83
CA SER B 286 14.37 -2.65 5.81
C SER B 286 13.60 -2.06 6.99
N SER B 287 12.71 -2.80 7.61
CA SER B 287 11.83 -2.21 8.60
C SER B 287 12.56 -1.94 9.91
N PHE B 288 11.85 -1.25 10.81
CA PHE B 288 12.36 -1.00 12.14
C PHE B 288 12.78 -2.27 12.82
N GLN B 289 12.10 -3.37 12.52
CA GLN B 289 12.29 -4.65 13.20
C GLN B 289 13.14 -5.60 12.38
N LYS B 290 13.92 -5.07 11.42
CA LYS B 290 14.73 -5.92 10.57
C LYS B 290 15.67 -6.81 11.37
N ASN B 291 16.00 -6.40 12.59
CA ASN B 291 16.95 -7.10 13.43
C ASN B 291 16.29 -7.88 14.55
N SER B 292 14.96 -7.88 14.62
CA SER B 292 14.25 -8.47 15.75
C SER B 292 13.57 -9.80 15.41
N LEU B 293 13.89 -10.40 14.26
CA LEU B 293 13.21 -11.61 13.81
C LEU B 293 14.24 -12.66 13.39
N HIS B 294 15.13 -13.00 14.32
CA HIS B 294 16.27 -13.86 13.97
C HIS B 294 15.82 -15.24 13.52
N ASN B 295 14.92 -15.88 14.26
CA ASN B 295 14.53 -17.22 13.86
C ASN B 295 13.76 -17.19 12.54
N THR B 296 12.85 -16.22 12.38
CA THR B 296 12.09 -16.16 11.14
C THR B 296 13.02 -15.84 9.97
N GLU B 297 13.94 -14.89 10.16
CA GLU B 297 14.91 -14.57 9.12
C GLU B 297 15.80 -15.78 8.83
N LYS B 298 16.20 -16.51 9.87
CA LYS B 298 17.04 -17.68 9.64
C LYS B 298 16.33 -18.73 8.80
N ILE B 299 15.06 -19.02 9.09
CA ILE B 299 14.40 -20.08 8.34
C ILE B 299 13.96 -19.59 6.94
N MET B 300 13.66 -18.30 6.79
CA MET B 300 13.29 -17.81 5.47
C MET B 300 14.49 -17.84 4.53
N GLU B 301 15.68 -17.53 5.05
CA GLU B 301 16.90 -17.56 4.26
C GLU B 301 17.29 -18.98 3.87
N ASN B 302 17.18 -19.94 4.79
CA ASN B 302 17.55 -21.32 4.49
C ASN B 302 16.43 -22.10 3.81
N LYS B 303 15.33 -21.45 3.41
CA LYS B 303 14.22 -22.16 2.80
C LYS B 303 13.56 -21.42 1.64
N TYR B 304 13.57 -20.08 1.61
CA TYR B 304 13.11 -19.33 0.45
C TYR B 304 14.04 -18.16 0.18
N PRO B 305 15.32 -18.41 -0.02
CA PRO B 305 16.22 -17.31 -0.41
C PRO B 305 15.96 -16.80 -1.82
N GLU B 306 15.21 -17.54 -2.65
CA GLU B 306 14.83 -17.03 -3.96
C GLU B 306 13.96 -15.78 -3.81
N LEU B 307 12.85 -15.93 -3.08
CA LEU B 307 11.95 -14.80 -2.84
C LEU B 307 12.72 -13.54 -2.45
N LEU B 308 13.77 -13.70 -1.65
CA LEU B 308 14.54 -12.56 -1.17
C LEU B 308 15.64 -12.19 -2.17
N1 VE3 C . -5.02 -40.64 8.32
C7 VE3 C . -0.68 -39.49 7.15
C8 VE3 C . 0.20 -40.47 6.37
N2 VE3 C . -0.47 -39.69 8.59
C1 VE3 C . -4.30 -39.24 10.27
C5 VE3 C . 0.83 -39.33 9.15
C6 VE3 C . 1.52 -38.30 8.29
C4 VE3 C . -1.48 -40.23 9.35
C3 VE3 C . -2.76 -40.55 8.72
C2 VE3 C . -3.98 -40.11 9.14
O VE3 C . -1.30 -40.44 10.54
S VE3 C . -2.94 -41.57 7.39
N VE3 C . -4.62 -41.39 7.42
C VE3 C . -3.94 -37.78 10.03
#